data_2UUS
#
_entry.id   2UUS
#
_cell.length_a   36.883
_cell.length_b   52.778
_cell.length_c   73.127
_cell.angle_alpha   90.00
_cell.angle_beta   97.43
_cell.angle_gamma   90.00
#
_symmetry.space_group_name_H-M   'P 1 21 1'
#
loop_
_entity.id
_entity.type
_entity.pdbx_description
1 polymer 'HEPARIN-BINDING GROWTH FACTOR 1'
2 branched 1,3,4,6-tetra-O-sulfo-beta-D-fructofuranose-(2-1)-2,3,4,6-tetra-O-sulfonato-alpha-D-glucopyranose
3 water water
#
_entity_poly.entity_id   1
_entity_poly.type   'polypeptide(L)'
_entity_poly.pdbx_seq_one_letter_code
;NYKKPKLLYCSNGGHFLRILPDGTVDGTRDRSDQHIQLQLSAESAGEVYIKGTETGQYLAMDTEGLLYGSQTPNEECLFL
ERLEENHYNTYTSKKHAEKNWFVGLKKNGSCKRGPRTHYGQKAILFLPLPVS
;
_entity_poly.pdbx_strand_id   A,B
#
loop_
_chem_comp.id
_chem_comp.type
_chem_comp.name
_chem_comp.formula
GU4 D-saccharide, alpha linking 2,3,4,6-tetra-O-sulfonato-alpha-D-glucopyranose 'C6 H12 O18 S4'
YYJ D-saccharide, beta linking 1,3,4,6-tetra-O-sulfo-beta-D-fructofuranose 'C6 H12 O18 S4'
#
# COMPACT_ATOMS: atom_id res chain seq x y z
N ASN A 1 2.39 -21.26 15.44
CA ASN A 1 2.80 -20.56 16.60
C ASN A 1 3.91 -21.12 17.47
N TYR A 2 5.12 -21.19 16.96
CA TYR A 2 5.87 -22.40 16.93
C TYR A 2 7.28 -22.32 16.36
N LYS A 3 7.88 -23.47 16.16
CA LYS A 3 9.29 -23.60 16.36
C LYS A 3 10.20 -23.41 15.11
N LYS A 4 9.91 -24.08 14.03
CA LYS A 4 10.59 -23.80 12.77
C LYS A 4 10.01 -22.54 12.09
N PRO A 5 10.75 -21.90 11.17
CA PRO A 5 10.22 -20.78 10.37
C PRO A 5 9.28 -21.28 9.27
N LYS A 6 8.34 -20.46 8.83
CA LYS A 6 7.36 -20.80 7.79
C LYS A 6 7.19 -19.80 6.64
N LEU A 7 6.55 -20.23 5.57
CA LEU A 7 6.02 -19.37 4.51
C LEU A 7 4.49 -19.31 4.66
N LEU A 8 3.86 -18.19 4.28
CA LEU A 8 2.39 -18.11 4.27
C LEU A 8 1.83 -17.91 2.86
N TYR A 9 1.20 -18.95 2.30
CA TYR A 9 0.72 -18.96 0.90
C TYR A 9 -0.79 -18.67 0.73
N CYS A 10 -1.14 -17.72 -0.12
CA CYS A 10 -2.55 -17.35 -0.37
C CYS A 10 -3.00 -17.79 -1.77
N SER A 11 -3.99 -18.69 -1.83
CA SER A 11 -4.39 -19.27 -3.11
C SER A 11 -5.36 -18.40 -3.93
N ASN A 12 -5.65 -17.20 -3.44
CA ASN A 12 -6.50 -16.28 -4.19
C ASN A 12 -5.86 -15.92 -5.53
N GLY A 13 -4.62 -15.43 -5.48
CA GLY A 13 -3.89 -15.06 -6.69
C GLY A 13 -2.56 -15.79 -6.83
N GLY A 14 -2.28 -16.72 -5.91
CA GLY A 14 -1.02 -17.44 -5.88
C GLY A 14 0.21 -16.67 -5.41
N HIS A 15 0.10 -15.96 -4.28
CA HIS A 15 1.21 -15.17 -3.73
C HIS A 15 1.60 -15.58 -2.30
N PHE A 16 2.87 -15.37 -1.93
CA PHE A 16 3.39 -15.51 -0.57
C PHE A 16 3.46 -14.12 0.09
N LEU A 17 3.12 -14.01 1.39
CA LEU A 17 3.18 -12.73 2.12
C LEU A 17 4.64 -12.26 2.28
N ARG A 18 4.89 -10.96 2.12
CA ARG A 18 6.25 -10.40 2.05
C ARG A 18 6.45 -9.08 2.82
N ILE A 19 7.55 -8.99 3.59
CA ILE A 19 7.85 -7.82 4.45
C ILE A 19 9.18 -7.12 4.08
N LEU A 20 9.10 -5.92 3.50
CA LEU A 20 10.27 -5.21 2.92
C LEU A 20 11.05 -4.29 3.89
N PRO A 21 12.30 -3.98 3.55
CA PRO A 21 13.21 -3.13 4.35
C PRO A 21 12.70 -1.69 4.60
N ASP A 22 11.89 -1.12 3.71
CA ASP A 22 11.36 0.23 3.92
C ASP A 22 10.08 0.29 4.78
N GLY A 23 9.53 -0.85 5.15
CA GLY A 23 8.30 -0.89 5.92
C GLY A 23 7.02 -1.20 5.15
N THR A 24 7.14 -1.41 3.84
CA THR A 24 5.96 -1.73 3.00
C THR A 24 5.66 -3.24 3.06
N VAL A 25 4.38 -3.61 2.96
CA VAL A 25 3.95 -5.02 2.94
C VAL A 25 3.13 -5.35 1.67
N ASP A 26 3.48 -6.43 0.98
CA ASP A 26 2.76 -6.90 -0.20
C ASP A 26 2.89 -8.42 -0.38
N GLY A 27 2.78 -8.91 -1.62
CA GLY A 27 2.90 -10.34 -1.90
C GLY A 27 3.64 -10.65 -3.21
N THR A 28 4.20 -11.86 -3.33
CA THR A 28 4.94 -12.24 -4.55
C THR A 28 4.87 -13.73 -4.92
N ARG A 29 5.03 -14.03 -6.21
CA ARG A 29 5.03 -15.41 -6.67
C ARG A 29 6.44 -16.04 -6.65
N ASP A 30 7.48 -15.22 -6.49
CA ASP A 30 8.89 -15.66 -6.51
C ASP A 30 9.32 -16.33 -5.21
N ARG A 31 9.26 -17.67 -5.20
CA ARG A 31 9.59 -18.47 -4.02
C ARG A 31 11.04 -18.36 -3.52
N SER A 32 11.91 -17.69 -4.28
CA SER A 32 13.30 -17.49 -3.86
C SER A 32 13.59 -16.18 -3.09
N ASP A 33 12.61 -15.27 -3.06
CA ASP A 33 12.75 -13.99 -2.36
C ASP A 33 13.02 -14.16 -0.86
N GLN A 34 14.03 -13.48 -0.34
CA GLN A 34 14.42 -13.71 1.06
C GLN A 34 13.59 -12.94 2.08
N HIS A 35 12.67 -12.11 1.60
CA HIS A 35 11.82 -11.33 2.49
C HIS A 35 10.47 -11.99 2.77
N ILE A 36 10.29 -13.23 2.33
CA ILE A 36 9.06 -14.00 2.57
C ILE A 36 9.16 -15.08 3.64
N GLN A 37 10.34 -15.22 4.25
CA GLN A 37 10.56 -16.17 5.34
C GLN A 37 10.20 -15.53 6.69
N LEU A 38 9.34 -16.21 7.44
CA LEU A 38 8.65 -15.64 8.62
C LEU A 38 8.85 -16.48 9.88
N GLN A 39 8.79 -15.85 11.05
CA GLN A 39 8.86 -16.56 12.33
C GLN A 39 7.68 -16.20 13.20
N LEU A 40 6.77 -17.17 13.40
CA LEU A 40 5.61 -16.94 14.26
C LEU A 40 5.92 -17.29 15.72
N SER A 41 5.19 -16.67 16.66
CA SER A 41 5.42 -16.92 18.09
C SER A 41 4.15 -16.69 18.90
N ALA A 42 3.91 -17.53 19.89
CA ALA A 42 2.65 -17.47 20.62
C ALA A 42 2.72 -16.64 21.90
N GLU A 43 1.93 -15.57 21.95
CA GLU A 43 1.69 -14.81 23.16
C GLU A 43 1.09 -15.76 24.19
N SER A 44 -0.23 -15.93 24.10
CA SER A 44 -0.95 -16.96 24.84
C SER A 44 -1.79 -17.77 23.86
N ALA A 45 -2.88 -18.37 24.34
CA ALA A 45 -3.68 -19.27 23.50
C ALA A 45 -4.43 -18.53 22.40
N GLY A 46 -4.10 -18.86 21.14
CA GLY A 46 -4.80 -18.30 20.00
C GLY A 46 -4.42 -16.87 19.62
N GLU A 47 -3.27 -16.42 20.10
CA GLU A 47 -2.75 -15.07 19.81
C GLU A 47 -1.28 -15.14 19.42
N VAL A 48 -0.92 -14.49 18.31
CA VAL A 48 0.41 -14.64 17.72
C VAL A 48 1.03 -13.31 17.23
N TYR A 49 2.36 -13.30 17.14
CA TYR A 49 3.13 -12.27 16.42
C TYR A 49 3.74 -12.89 15.16
N ILE A 50 4.00 -12.07 14.15
CA ILE A 50 4.54 -12.54 12.86
C ILE A 50 5.72 -11.66 12.39
N LYS A 51 6.94 -12.19 12.40
CA LYS A 51 8.15 -11.41 12.16
C LYS A 51 8.96 -11.86 10.94
N GLY A 52 9.53 -10.91 10.20
CA GLY A 52 10.40 -11.23 9.08
C GLY A 52 11.82 -11.55 9.54
N THR A 53 12.36 -12.70 9.13
CA THR A 53 13.65 -13.14 9.67
C THR A 53 14.85 -12.33 9.16
N GLU A 54 14.76 -11.81 7.95
CA GLU A 54 15.85 -11.04 7.34
C GLU A 54 15.95 -9.59 7.85
N THR A 55 14.82 -8.90 7.93
CA THR A 55 14.82 -7.50 8.37
C THR A 55 14.66 -7.38 9.89
N GLY A 56 13.87 -8.26 10.49
CA GLY A 56 13.58 -8.15 11.91
C GLY A 56 12.37 -7.29 12.23
N GLN A 57 11.53 -7.00 11.24
CA GLN A 57 10.34 -6.16 11.48
C GLN A 57 9.05 -6.98 11.69
N TYR A 58 8.17 -6.49 12.58
CA TYR A 58 6.85 -7.11 12.86
C TYR A 58 5.65 -6.59 12.03
N LEU A 59 4.76 -7.51 11.65
CA LEU A 59 3.54 -7.21 10.90
C LEU A 59 2.55 -6.44 11.80
N ALA A 60 1.97 -5.35 11.28
CA ALA A 60 1.00 -4.52 12.00
C ALA A 60 -0.13 -3.98 11.08
N MET A 61 -1.25 -3.56 11.68
CA MET A 61 -2.39 -2.94 10.96
C MET A 61 -2.78 -1.58 11.55
N ASP A 62 -2.81 -0.54 10.71
CA ASP A 62 -3.04 0.85 11.17
C ASP A 62 -4.53 1.28 11.21
N THR A 63 -4.76 2.54 11.59
CA THR A 63 -6.13 3.03 11.85
C THR A 63 -7.03 3.09 10.61
N GLU A 64 -6.43 3.20 9.42
CA GLU A 64 -7.19 3.16 8.17
C GLU A 64 -7.43 1.73 7.63
N GLY A 65 -6.83 0.73 8.26
CA GLY A 65 -7.00 -0.66 7.81
C GLY A 65 -5.92 -1.26 6.91
N LEU A 66 -4.81 -0.56 6.69
CA LEU A 66 -3.72 -1.07 5.84
C LEU A 66 -2.58 -1.74 6.63
N LEU A 67 -1.91 -2.71 5.99
CA LEU A 67 -0.74 -3.41 6.58
C LEU A 67 0.63 -2.69 6.39
N TYR A 68 1.49 -2.78 7.40
CA TYR A 68 2.83 -2.15 7.37
C TYR A 68 3.83 -2.82 8.34
N GLY A 69 5.11 -2.48 8.23
CA GLY A 69 6.17 -3.11 9.05
C GLY A 69 6.72 -2.26 10.18
N SER A 70 6.87 -2.84 11.36
CA SER A 70 7.25 -2.10 12.58
C SER A 70 8.54 -2.61 13.26
N GLN A 71 9.43 -1.69 13.65
CA GLN A 71 10.69 -2.06 14.30
C GLN A 71 10.51 -2.57 15.74
N THR A 72 9.47 -2.08 16.41
CA THR A 72 9.19 -2.47 17.79
C THR A 72 7.82 -3.14 17.91
N PRO A 73 7.74 -4.21 18.71
CA PRO A 73 6.45 -4.87 18.98
C PRO A 73 5.50 -3.97 19.78
N ASN A 74 4.24 -3.89 19.38
CA ASN A 74 3.24 -3.11 20.11
C ASN A 74 1.83 -3.64 19.91
N GLU A 75 0.84 -2.94 20.44
CA GLU A 75 -0.54 -3.42 20.38
C GLU A 75 -1.07 -3.57 18.95
N GLU A 76 -0.61 -2.73 18.02
CA GLU A 76 -1.01 -2.84 16.60
C GLU A 76 -0.45 -4.09 15.92
N CYS A 77 0.51 -4.75 16.59
CA CYS A 77 1.17 -5.96 16.09
C CYS A 77 0.54 -7.31 16.54
N LEU A 78 -0.48 -7.27 17.38
CA LEU A 78 -1.12 -8.52 17.85
C LEU A 78 -2.32 -8.99 17.02
N PHE A 79 -2.39 -10.30 16.76
CA PHE A 79 -3.44 -10.91 15.89
C PHE A 79 -4.11 -12.16 16.51
N LEU A 80 -5.37 -12.44 16.15
CA LEU A 80 -6.13 -13.60 16.64
C LEU A 80 -6.24 -14.76 15.64
N GLU A 81 -5.58 -15.88 15.92
CA GLU A 81 -5.42 -16.99 14.99
C GLU A 81 -6.60 -17.99 15.03
N ARG A 82 -7.06 -18.43 13.86
CA ARG A 82 -8.21 -19.33 13.76
C ARG A 82 -7.97 -20.42 12.73
N LEU A 83 -8.24 -21.68 13.10
CA LEU A 83 -8.17 -22.80 12.16
C LEU A 83 -9.58 -23.09 11.69
N GLU A 84 -9.88 -22.75 10.44
CA GLU A 84 -11.26 -22.81 9.95
C GLU A 84 -11.74 -24.24 9.58
N GLU A 85 -13.02 -24.33 9.21
CA GLU A 85 -13.66 -25.59 8.86
C GLU A 85 -13.06 -26.28 7.64
N ASN A 86 -12.77 -25.52 6.59
CA ASN A 86 -12.12 -26.07 5.40
C ASN A 86 -10.63 -26.35 5.59
N HIS A 87 -10.13 -26.08 6.79
CA HIS A 87 -8.74 -26.37 7.18
C HIS A 87 -7.67 -25.37 6.72
N TYR A 88 -8.07 -24.12 6.48
CA TYR A 88 -7.12 -23.03 6.28
C TYR A 88 -7.02 -22.23 7.58
N ASN A 89 -6.10 -21.28 7.64
CA ASN A 89 -6.02 -20.39 8.81
C ASN A 89 -6.44 -18.96 8.44
N THR A 90 -7.06 -18.26 9.39
CA THR A 90 -7.26 -16.80 9.29
C THR A 90 -6.62 -16.01 10.46
N TYR A 91 -6.35 -14.72 10.22
CA TYR A 91 -5.74 -13.83 11.21
C TYR A 91 -6.55 -12.52 11.37
N THR A 92 -7.06 -12.27 12.57
CA THR A 92 -7.87 -11.07 12.84
C THR A 92 -7.10 -10.03 13.68
N SER A 93 -7.18 -8.76 13.29
CA SER A 93 -6.63 -7.65 14.07
C SER A 93 -7.25 -7.55 15.47
N LYS A 94 -6.41 -7.65 16.49
CA LYS A 94 -6.89 -7.57 17.88
C LYS A 94 -7.51 -6.21 18.21
N LYS A 95 -6.74 -5.15 17.95
CA LYS A 95 -7.20 -3.79 18.23
C LYS A 95 -8.52 -3.42 17.52
N HIS A 96 -8.79 -4.03 16.37
CA HIS A 96 -9.99 -3.71 15.60
C HIS A 96 -10.97 -4.91 15.49
N ALA A 97 -10.94 -5.78 16.49
CA ALA A 97 -11.72 -7.01 16.47
C ALA A 97 -13.22 -6.79 16.42
N GLU A 98 -13.70 -5.72 17.04
CA GLU A 98 -15.13 -5.41 17.07
CA GLU A 98 -15.13 -5.44 17.07
C GLU A 98 -15.67 -5.13 15.67
N LYS A 99 -14.77 -4.94 14.71
CA LYS A 99 -15.20 -4.72 13.32
C LYS A 99 -14.87 -5.87 12.36
N ASN A 100 -14.27 -6.94 12.87
CA ASN A 100 -13.92 -8.08 12.00
C ASN A 100 -12.99 -7.74 10.83
N TRP A 101 -11.92 -7.01 11.08
CA TRP A 101 -10.92 -6.64 10.06
C TRP A 101 -9.83 -7.73 9.92
N PHE A 102 -9.75 -8.37 8.76
CA PHE A 102 -8.81 -9.48 8.48
C PHE A 102 -7.54 -9.02 7.74
N VAL A 103 -6.44 -9.77 7.92
CA VAL A 103 -5.28 -9.80 7.01
C VAL A 103 -5.66 -10.48 5.66
N GLY A 104 -5.27 -9.89 4.52
CA GLY A 104 -5.59 -10.47 3.21
C GLY A 104 -4.86 -9.92 1.97
N LEU A 105 -4.84 -10.69 0.88
CA LEU A 105 -4.19 -10.28 -0.38
C LEU A 105 -5.15 -10.26 -1.59
N LYS A 106 -5.06 -9.24 -2.43
CA LYS A 106 -5.93 -9.09 -3.60
C LYS A 106 -5.48 -10.01 -4.73
N LYS A 107 -6.31 -10.17 -5.77
CA LYS A 107 -5.92 -10.98 -6.92
C LYS A 107 -4.64 -10.45 -7.59
N ASN A 108 -4.45 -9.13 -7.55
CA ASN A 108 -3.25 -8.53 -8.16
C ASN A 108 -2.01 -8.50 -7.26
N GLY A 109 -2.11 -9.09 -6.06
CA GLY A 109 -0.96 -9.22 -5.18
C GLY A 109 -0.70 -8.12 -4.14
N SER A 110 -1.43 -7.01 -4.22
N SER A 110 -1.44 -7.02 -4.23
CA SER A 110 -1.30 -5.97 -3.20
CA SER A 110 -1.35 -5.96 -3.22
C SER A 110 -2.24 -6.26 -2.03
C SER A 110 -2.11 -6.41 -1.96
N CYS A 111 -2.00 -5.62 -0.90
CA CYS A 111 -2.75 -5.92 0.34
C CYS A 111 -4.20 -5.42 0.31
N LYS A 112 -5.13 -6.25 0.79
CA LYS A 112 -6.52 -5.78 0.99
C LYS A 112 -6.62 -4.83 2.18
N ARG A 113 -7.55 -3.90 2.15
CA ARG A 113 -7.89 -3.11 3.33
CA ARG A 113 -7.80 -3.07 3.34
C ARG A 113 -8.90 -3.70 4.28
N GLY A 114 -8.65 -3.61 5.58
CA GLY A 114 -9.53 -4.20 6.60
C GLY A 114 -11.03 -4.08 6.39
N PRO A 115 -11.52 -2.86 6.10
CA PRO A 115 -12.94 -2.58 5.81
C PRO A 115 -13.50 -3.27 4.56
N ARG A 116 -12.66 -3.77 3.67
CA ARG A 116 -13.13 -4.46 2.45
C ARG A 116 -13.08 -5.99 2.52
N THR A 117 -12.81 -6.54 3.70
CA THR A 117 -12.71 -8.00 3.90
C THR A 117 -14.00 -8.61 4.52
N HIS A 118 -14.38 -9.82 4.10
CA HIS A 118 -15.46 -10.60 4.77
C HIS A 118 -15.16 -12.10 4.90
N TYR A 119 -15.81 -12.73 5.87
CA TYR A 119 -15.86 -14.18 5.98
C TYR A 119 -16.36 -14.80 4.66
N GLY A 120 -15.67 -15.84 4.17
CA GLY A 120 -16.03 -16.44 2.90
C GLY A 120 -15.13 -16.12 1.70
N GLN A 121 -14.38 -15.04 1.78
CA GLN A 121 -13.53 -14.63 0.66
C GLN A 121 -12.30 -15.53 0.50
N LYS A 122 -11.87 -15.74 -0.74
CA LYS A 122 -10.59 -16.42 -1.03
C LYS A 122 -9.38 -15.60 -0.52
N ALA A 123 -9.55 -14.29 -0.46
CA ALA A 123 -8.46 -13.39 -0.10
C ALA A 123 -7.94 -13.56 1.33
N ILE A 124 -8.79 -14.04 2.23
CA ILE A 124 -8.43 -14.11 3.65
C ILE A 124 -7.85 -15.47 4.08
N LEU A 125 -7.80 -16.43 3.16
CA LEU A 125 -7.41 -17.81 3.49
C LEU A 125 -5.91 -18.07 3.24
N PHE A 126 -5.19 -18.48 4.28
CA PHE A 126 -3.72 -18.70 4.21
C PHE A 126 -3.30 -20.13 4.59
N LEU A 127 -2.17 -20.57 4.04
CA LEU A 127 -1.62 -21.89 4.37
C LEU A 127 -0.10 -21.90 4.64
N PRO A 128 0.30 -22.28 5.86
CA PRO A 128 1.70 -22.39 6.31
C PRO A 128 2.46 -23.55 5.65
N LEU A 129 3.57 -23.24 4.98
CA LEU A 129 4.43 -24.27 4.40
C LEU A 129 5.85 -24.16 4.97
N PRO A 130 6.63 -25.27 4.93
CA PRO A 130 8.01 -25.32 5.45
C PRO A 130 9.01 -24.60 4.52
N VAL A 131 10.00 -23.90 5.08
CA VAL A 131 10.97 -23.21 4.23
C VAL A 131 11.94 -24.20 3.57
N SER A 132 12.33 -24.03 2.42
N TYR B 2 -6.89 23.04 -12.90
CA TYR B 2 -7.16 23.57 -14.20
C TYR B 2 -7.97 22.67 -15.14
N LYS B 3 -8.02 23.09 -16.39
CA LYS B 3 -9.21 22.88 -17.15
C LYS B 3 -9.28 21.61 -18.03
N LYS B 4 -8.26 21.36 -18.82
CA LYS B 4 -8.16 20.09 -19.53
C LYS B 4 -7.63 18.96 -18.58
N PRO B 5 -7.85 17.69 -18.89
CA PRO B 5 -7.26 16.58 -18.14
C PRO B 5 -5.77 16.40 -18.47
N LYS B 6 -5.00 15.84 -17.55
CA LYS B 6 -3.56 15.63 -17.71
C LYS B 6 -3.02 14.24 -17.38
N LEU B 7 -1.80 13.95 -17.80
CA LEU B 7 -1.00 12.81 -17.34
C LEU B 7 0.10 13.34 -16.40
N LEU B 8 0.44 12.46 -15.42
CA LEU B 8 1.48 12.91 -14.49
C LEU B 8 2.72 12.06 -14.63
N TYR B 9 3.76 12.63 -15.25
CA TYR B 9 4.97 11.91 -15.63
C TYR B 9 6.09 12.07 -14.57
N CYS B 10 6.59 10.96 -14.02
CA CYS B 10 7.63 10.99 -12.97
C CYS B 10 9.03 10.80 -13.53
N SER B 11 9.99 11.57 -12.99
CA SER B 11 11.37 11.59 -13.49
C SER B 11 12.20 10.34 -13.16
N ASN B 12 11.94 9.73 -12.00
CA ASN B 12 12.56 8.46 -11.59
C ASN B 12 12.05 7.29 -12.44
N GLY B 13 12.76 6.97 -13.51
CA GLY B 13 12.44 5.80 -14.33
C GLY B 13 11.40 5.96 -15.42
N GLY B 14 10.73 7.11 -15.46
CA GLY B 14 9.74 7.40 -16.49
C GLY B 14 8.44 6.63 -16.40
N HIS B 15 7.70 6.84 -15.31
CA HIS B 15 6.42 6.18 -15.11
C HIS B 15 5.30 7.20 -14.99
N PHE B 16 4.12 6.86 -15.50
CA PHE B 16 2.90 7.66 -15.30
C PHE B 16 2.16 7.21 -14.05
N LEU B 17 1.59 8.16 -13.32
CA LEU B 17 0.83 7.82 -12.10
C LEU B 17 -0.52 7.18 -12.43
N ARG B 18 -0.84 6.08 -11.73
CA ARG B 18 -2.01 5.25 -12.06
C ARG B 18 -2.92 4.92 -10.85
N ILE B 19 -4.23 4.90 -11.08
CA ILE B 19 -5.21 4.67 -10.00
C ILE B 19 -6.33 3.71 -10.43
N LEU B 20 -6.45 2.56 -9.74
CA LEU B 20 -7.31 1.48 -10.20
C LEU B 20 -8.69 1.39 -9.53
N PRO B 21 -9.63 0.65 -10.17
CA PRO B 21 -11.01 0.46 -9.70
C PRO B 21 -11.10 -0.06 -8.27
N ASP B 22 -10.20 -0.95 -7.88
CA ASP B 22 -10.25 -1.50 -6.52
C ASP B 22 -9.48 -0.69 -5.46
N GLY B 23 -8.95 0.47 -5.85
CA GLY B 23 -8.32 1.34 -4.87
C GLY B 23 -6.79 1.31 -4.83
N THR B 24 -6.18 0.60 -5.77
CA THR B 24 -4.73 0.43 -5.83
C THR B 24 -3.99 1.54 -6.59
N VAL B 25 -2.86 2.02 -6.07
CA VAL B 25 -2.03 3.06 -6.73
C VAL B 25 -0.61 2.60 -7.07
N ASP B 26 -0.14 2.93 -8.27
CA ASP B 26 1.21 2.52 -8.70
C ASP B 26 1.63 3.25 -9.98
N GLY B 27 2.55 2.69 -10.76
CA GLY B 27 2.98 3.32 -12.00
C GLY B 27 3.16 2.42 -13.20
N THR B 28 2.98 2.97 -14.40
CA THR B 28 3.17 2.21 -15.63
C THR B 28 3.87 3.02 -16.73
N ARG B 29 4.57 2.32 -17.62
CA ARG B 29 5.22 2.95 -18.77
C ARG B 29 4.38 2.97 -20.06
N ASP B 30 3.17 2.41 -20.01
CA ASP B 30 2.36 2.18 -21.21
C ASP B 30 1.53 3.40 -21.60
N ARG B 31 1.91 4.13 -22.64
N ARG B 31 1.93 4.06 -22.68
CA ARG B 31 1.12 5.31 -22.96
CA ARG B 31 1.26 5.26 -23.16
C ARG B 31 -0.08 5.04 -23.88
C ARG B 31 -0.20 4.99 -23.48
N SER B 32 -0.50 3.78 -23.94
CA SER B 32 -1.85 3.45 -24.38
C SER B 32 -2.71 2.93 -23.21
N ASP B 33 -2.20 3.10 -21.99
N ASP B 33 -2.34 3.36 -22.01
CA ASP B 33 -2.81 2.48 -20.82
CA ASP B 33 -3.27 3.61 -20.89
C ASP B 33 -4.06 3.23 -20.41
C ASP B 33 -3.06 2.80 -19.61
N GLN B 34 -4.79 2.71 -19.42
N GLN B 34 -4.00 2.97 -18.69
CA GLN B 34 -6.18 3.12 -19.24
CA GLN B 34 -4.24 2.14 -17.51
C GLN B 34 -6.68 3.83 -17.99
C GLN B 34 -5.10 2.87 -16.47
N HIS B 35 -5.97 3.82 -16.85
CA HIS B 35 -6.51 4.69 -15.80
C HIS B 35 -5.49 5.73 -15.34
N ILE B 36 -4.75 6.30 -16.27
CA ILE B 36 -3.74 7.33 -15.98
C ILE B 36 -4.25 8.76 -16.17
N GLN B 37 -5.45 8.90 -16.74
CA GLN B 37 -6.02 10.24 -16.98
C GLN B 37 -6.54 10.83 -15.69
N LEU B 38 -5.95 11.94 -15.29
CA LEU B 38 -6.30 12.55 -14.01
C LEU B 38 -6.85 13.95 -14.22
N GLN B 39 -7.85 14.29 -13.42
CA GLN B 39 -8.42 15.61 -13.44
C GLN B 39 -7.99 16.32 -12.16
N LEU B 40 -7.11 17.28 -12.31
CA LEU B 40 -6.70 18.08 -11.17
C LEU B 40 -7.63 19.26 -10.98
N SER B 41 -8.12 19.42 -9.75
CA SER B 41 -9.06 20.50 -9.43
C SER B 41 -8.51 21.41 -8.35
N ALA B 42 -8.91 22.67 -8.38
CA ALA B 42 -8.21 23.73 -7.65
C ALA B 42 -8.97 24.35 -6.47
N GLU B 43 -8.73 23.80 -5.29
CA GLU B 43 -9.25 24.37 -4.04
C GLU B 43 -8.09 24.54 -3.09
N GLY B 46 -2.71 26.54 -5.68
CA GLY B 46 -1.49 26.30 -4.94
C GLY B 46 -1.86 25.05 -4.18
N GLU B 47 -3.18 24.81 -4.17
CA GLU B 47 -3.81 23.67 -3.49
C GLU B 47 -4.59 22.84 -4.50
N VAL B 48 -4.52 21.52 -4.39
CA VAL B 48 -5.18 20.65 -5.37
C VAL B 48 -5.82 19.38 -4.79
N TYR B 49 -6.75 18.83 -5.56
CA TYR B 49 -7.23 17.47 -5.40
C TYR B 49 -6.85 16.73 -6.67
N ILE B 50 -6.58 15.43 -6.58
CA ILE B 50 -6.26 14.64 -7.77
C ILE B 50 -7.25 13.48 -7.92
N LYS B 51 -8.12 13.55 -8.93
CA LYS B 51 -9.18 12.56 -9.14
C LYS B 51 -9.02 11.79 -10.45
N GLY B 52 -9.26 10.47 -10.39
CA GLY B 52 -9.32 9.65 -11.59
C GLY B 52 -10.60 9.90 -12.38
N THR B 53 -10.48 9.98 -13.70
CA THR B 53 -11.58 10.37 -14.56
C THR B 53 -12.63 9.27 -14.66
N GLU B 54 -12.16 8.07 -14.98
CA GLU B 54 -13.00 6.88 -15.04
C GLU B 54 -13.76 6.69 -13.75
N THR B 55 -13.00 6.73 -12.65
CA THR B 55 -13.34 6.04 -11.41
C THR B 55 -14.03 6.90 -10.35
N GLY B 56 -13.70 8.18 -10.32
CA GLY B 56 -14.20 9.07 -9.27
C GLY B 56 -13.48 8.88 -7.94
N GLN B 57 -12.38 8.13 -7.97
CA GLN B 57 -11.55 7.92 -6.79
C GLN B 57 -10.46 8.98 -6.67
N TYR B 58 -10.28 9.48 -5.45
CA TYR B 58 -9.30 10.51 -5.17
C TYR B 58 -8.01 9.93 -4.55
N LEU B 59 -6.93 10.69 -4.64
CA LEU B 59 -5.65 10.29 -4.06
C LEU B 59 -5.66 10.63 -2.57
N ALA B 60 -5.14 9.73 -1.76
CA ALA B 60 -5.05 9.97 -0.32
C ALA B 60 -3.77 9.33 0.26
N MET B 61 -3.27 9.89 1.37
CA MET B 61 -2.12 9.33 2.07
C MET B 61 -2.53 9.09 3.52
N ASP B 62 -2.30 7.88 4.02
CA ASP B 62 -2.75 7.46 5.35
C ASP B 62 -1.77 7.75 6.51
N THR B 63 -2.14 7.31 7.72
CA THR B 63 -1.38 7.54 8.96
C THR B 63 0.09 7.09 8.95
N GLU B 64 0.41 6.11 8.10
CA GLU B 64 1.80 5.60 8.04
C GLU B 64 2.51 5.97 6.73
N GLY B 65 1.92 6.88 5.97
CA GLY B 65 2.55 7.39 4.75
C GLY B 65 2.34 6.59 3.47
N LEU B 66 1.34 5.71 3.46
CA LEU B 66 1.04 4.84 2.31
C LEU B 66 -0.05 5.47 1.42
N LEU B 67 0.05 5.30 0.10
CA LEU B 67 -0.90 5.89 -0.85
C LEU B 67 -2.05 4.93 -1.21
N TYR B 68 -3.29 5.42 -1.20
CA TYR B 68 -4.48 4.62 -1.53
C TYR B 68 -5.57 5.48 -2.20
N GLY B 69 -6.59 4.84 -2.79
CA GLY B 69 -7.71 5.52 -3.43
C GLY B 69 -9.00 5.56 -2.62
N SER B 70 -9.57 6.75 -2.45
CA SER B 70 -10.71 6.98 -1.54
C SER B 70 -12.04 7.26 -2.26
N GLN B 71 -13.13 6.75 -1.69
CA GLN B 71 -14.46 6.87 -2.28
C GLN B 71 -15.05 8.24 -2.01
N THR B 72 -14.77 8.79 -0.83
CA THR B 72 -15.21 10.14 -0.50
C THR B 72 -14.03 11.07 -0.27
N PRO B 73 -14.15 12.34 -0.71
CA PRO B 73 -13.11 13.31 -0.40
C PRO B 73 -13.12 13.68 1.08
N ASN B 74 -11.95 13.72 1.68
CA ASN B 74 -11.81 14.26 3.01
C ASN B 74 -10.44 14.89 3.06
N GLU B 75 -9.97 15.20 4.27
CA GLU B 75 -8.76 16.01 4.39
C GLU B 75 -7.46 15.20 4.22
N GLU B 76 -7.56 13.89 4.18
CA GLU B 76 -6.41 13.04 3.83
C GLU B 76 -6.13 13.14 2.33
N CYS B 77 -7.02 13.83 1.62
CA CYS B 77 -6.96 13.97 0.17
C CYS B 77 -6.41 15.35 -0.28
N LEU B 78 -5.83 16.10 0.65
CA LEU B 78 -5.44 17.49 0.39
C LEU B 78 -3.91 17.61 0.18
N PHE B 79 -3.49 18.15 -0.97
CA PHE B 79 -2.07 18.26 -1.36
C PHE B 79 -1.60 19.68 -1.78
N LEU B 80 -0.41 20.05 -1.33
CA LEU B 80 0.18 21.37 -1.64
C LEU B 80 1.15 21.30 -2.83
N GLU B 81 0.81 22.02 -3.90
CA GLU B 81 1.57 21.99 -5.16
C GLU B 81 2.64 23.09 -5.24
N ARG B 82 3.77 22.78 -5.88
CA ARG B 82 4.87 23.75 -6.01
C ARG B 82 5.67 23.61 -7.31
N LEU B 83 5.92 24.72 -7.99
CA LEU B 83 6.77 24.72 -9.19
C LEU B 83 8.21 25.01 -8.79
N GLU B 84 9.09 24.03 -8.94
CA GLU B 84 10.48 24.20 -8.51
C GLU B 84 11.31 24.94 -9.56
N GLU B 85 12.49 25.40 -9.17
CA GLU B 85 13.32 26.21 -10.06
CA GLU B 85 13.33 26.21 -10.04
C GLU B 85 13.99 25.40 -11.16
N ASN B 86 13.91 24.07 -11.05
CA ASN B 86 14.45 23.20 -12.10
C ASN B 86 13.38 22.76 -13.11
N HIS B 87 12.16 23.28 -12.92
CA HIS B 87 11.05 23.10 -13.86
C HIS B 87 10.31 21.74 -13.80
N TYR B 88 10.17 21.21 -12.59
CA TYR B 88 9.28 20.07 -12.32
C TYR B 88 8.30 20.50 -11.22
N ASN B 89 7.27 19.71 -10.96
CA ASN B 89 6.36 19.98 -9.84
C ASN B 89 6.50 18.96 -8.70
N THR B 90 6.23 19.38 -7.47
CA THR B 90 6.14 18.46 -6.32
C THR B 90 4.79 18.60 -5.62
N TYR B 91 4.40 17.62 -4.80
CA TYR B 91 3.14 17.67 -4.02
C TYR B 91 3.31 17.18 -2.57
N THR B 92 3.05 18.08 -1.61
CA THR B 92 3.18 17.76 -0.19
C THR B 92 1.83 17.47 0.47
N SER B 93 1.80 16.47 1.34
CA SER B 93 0.59 16.13 2.07
C SER B 93 0.22 17.23 3.09
N LYS B 94 -1.01 17.75 2.98
CA LYS B 94 -1.47 18.82 3.88
C LYS B 94 -1.59 18.34 5.32
N LYS B 95 -2.24 17.20 5.52
CA LYS B 95 -2.44 16.65 6.86
C LYS B 95 -1.14 16.41 7.64
N HIS B 96 -0.08 15.97 6.96
CA HIS B 96 1.22 15.75 7.61
C HIS B 96 2.31 16.73 7.14
N ALA B 97 1.89 17.94 6.79
CA ALA B 97 2.77 18.97 6.25
C ALA B 97 3.91 19.36 7.19
N GLU B 98 3.66 19.22 8.51
CA GLU B 98 4.67 19.56 9.49
C GLU B 98 5.87 18.59 9.45
N LYS B 99 5.72 17.50 8.71
CA LYS B 99 6.79 16.51 8.61
C LYS B 99 7.39 16.36 7.20
N ASN B 100 6.89 17.13 6.24
CA ASN B 100 7.43 17.12 4.87
C ASN B 100 7.37 15.76 4.15
N TRP B 101 6.19 15.11 4.17
CA TRP B 101 5.99 13.83 3.46
C TRP B 101 5.49 14.09 2.01
N PHE B 102 6.26 13.62 1.03
CA PHE B 102 5.92 13.83 -0.39
C PHE B 102 5.23 12.63 -1.02
N VAL B 103 4.49 12.88 -2.11
CA VAL B 103 4.08 11.86 -3.07
C VAL B 103 5.29 11.46 -3.91
N GLY B 104 5.52 10.16 -4.13
CA GLY B 104 6.62 9.71 -4.96
C GLY B 104 6.55 8.28 -5.47
N LEU B 105 7.35 7.97 -6.50
CA LEU B 105 7.41 6.62 -7.09
C LEU B 105 8.84 6.05 -7.21
N LYS B 106 8.97 4.75 -7.01
CA LYS B 106 10.25 4.05 -7.10
C LYS B 106 10.67 3.75 -8.57
N LYS B 107 11.93 3.36 -8.76
CA LYS B 107 12.43 3.01 -10.10
C LYS B 107 11.75 1.78 -10.73
N ASN B 108 11.25 0.85 -9.92
CA ASN B 108 10.55 -0.32 -10.47
C ASN B 108 9.07 -0.07 -10.73
N GLY B 109 8.57 1.10 -10.33
CA GLY B 109 7.19 1.46 -10.57
C GLY B 109 6.30 1.50 -9.33
N SER B 110 6.73 0.87 -8.24
N SER B 110 6.78 0.90 -8.24
CA SER B 110 5.94 0.85 -7.01
CA SER B 110 6.06 0.83 -6.98
C SER B 110 6.11 2.13 -6.19
C SER B 110 6.09 2.18 -6.22
N CYS B 111 5.13 2.40 -5.33
CA CYS B 111 5.04 3.66 -4.56
C CYS B 111 6.08 3.83 -3.44
N LYS B 112 6.51 5.08 -3.21
CA LYS B 112 7.34 5.47 -2.05
C LYS B 112 6.45 5.67 -0.82
N ARG B 113 7.00 5.39 0.36
CA ARG B 113 6.32 5.71 1.62
C ARG B 113 6.73 7.09 2.14
N GLY B 114 5.78 7.83 2.70
CA GLY B 114 6.01 9.19 3.18
C GLY B 114 7.30 9.54 3.92
N PRO B 115 7.62 8.84 5.02
CA PRO B 115 8.82 9.07 5.84
C PRO B 115 10.16 8.68 5.19
N ARG B 116 10.15 8.23 3.93
CA ARG B 116 11.36 7.90 3.19
C ARG B 116 11.58 8.82 1.97
N THR B 117 10.81 9.89 1.87
CA THR B 117 10.96 10.87 0.79
C THR B 117 11.81 12.07 1.26
N HIS B 118 12.51 12.71 0.31
CA HIS B 118 13.40 13.84 0.61
C HIS B 118 13.78 14.66 -0.63
N TYR B 119 13.88 15.99 -0.46
CA TYR B 119 14.44 16.85 -1.52
C TYR B 119 15.80 16.33 -1.98
N GLY B 120 15.99 16.26 -3.29
CA GLY B 120 17.20 15.71 -3.87
C GLY B 120 16.94 14.41 -4.61
N GLN B 121 15.83 13.78 -4.28
CA GLN B 121 15.38 12.58 -4.97
C GLN B 121 14.62 12.91 -6.26
N LYS B 122 14.93 12.19 -7.34
CA LYS B 122 14.15 12.22 -8.58
C LYS B 122 12.73 11.73 -8.33
N ALA B 123 12.63 10.77 -7.40
CA ALA B 123 11.36 10.15 -7.02
C ALA B 123 10.19 11.12 -6.84
N ILE B 124 10.47 12.32 -6.35
CA ILE B 124 9.41 13.26 -5.98
C ILE B 124 9.02 14.29 -7.09
N LEU B 125 9.72 14.24 -8.22
CA LEU B 125 9.53 15.24 -9.29
C LEU B 125 8.61 14.75 -10.42
N PHE B 126 7.56 15.53 -10.72
CA PHE B 126 6.57 15.19 -11.75
C PHE B 126 6.37 16.26 -12.85
N LEU B 127 6.10 15.79 -14.08
CA LEU B 127 5.85 16.65 -15.23
C LEU B 127 4.49 16.38 -15.89
N PRO B 128 3.52 17.31 -15.72
CA PRO B 128 2.13 17.29 -16.21
C PRO B 128 1.96 17.51 -17.73
N LEU B 129 1.52 16.47 -18.43
CA LEU B 129 1.39 16.51 -19.89
C LEU B 129 -0.07 16.35 -20.33
N PRO B 130 -0.38 16.78 -21.56
CA PRO B 130 -1.70 16.62 -22.18
C PRO B 130 -1.96 15.18 -22.63
N VAL B 131 -3.22 14.75 -22.61
CA VAL B 131 -3.57 13.39 -23.01
C VAL B 131 -3.54 13.21 -24.53
N SER B 132 -3.67 14.32 -25.26
CA SER B 132 -3.54 14.36 -26.72
C SER B 132 -4.45 13.39 -27.49
C1 GU4 C . -15.49 -10.39 -6.03
O5 GU4 C . -15.83 -10.64 -7.42
C5 GU4 C . -15.03 -11.68 -8.08
C6 GU4 C . -15.60 -11.84 -9.52
O6 GU4 C . -16.53 -12.89 -9.66
S6 GU4 C . -18.13 -12.63 -10.02
O22 GU4 C . -18.27 -11.77 -11.43
O23 GU4 C . -18.82 -11.78 -8.78
O21 GU4 C . -18.91 -14.08 -10.19
C4 GU4 C . -15.04 -13.05 -7.34
O4 GU4 C . -13.91 -13.86 -7.61
S4 GU4 C . -14.11 -15.32 -8.42
O25 GU4 C . -15.13 -16.31 -7.57
O26 GU4 C . -12.66 -16.10 -8.57
O24 GU4 C . -14.75 -15.02 -9.92
C3 GU4 C . -14.97 -12.87 -5.79
O3 GU4 C . -15.24 -14.10 -5.14
S3 GU4 C . -14.10 -14.89 -4.22
O28 GU4 C . -14.14 -14.38 -2.63
O29 GU4 C . -14.48 -16.50 -4.32
O27 GU4 C . -12.58 -14.63 -4.84
C2 GU4 C . -15.83 -11.67 -5.27
O2 GU4 C . -15.75 -11.47 -3.87
S2 GU4 C . -17.08 -11.03 -2.95
O11 GU4 C . -18.02 -12.36 -2.64
O12 GU4 C . -17.94 -9.86 -3.71
O10 GU4 C . -16.48 -10.45 -1.51
C1 YYJ C . -14.04 -8.40 -4.23
C2 YYJ C . -13.72 -8.82 -5.71
C3 YYJ C . -12.24 -8.54 -6.05
C4 YYJ C . -12.29 -8.21 -7.54
C5 YYJ C . -13.69 -7.61 -7.79
C6 YYJ C . -14.33 -8.18 -9.07
O1 YYJ C . -13.83 -7.01 -4.03
O1S1 YYJ C . -14.81 -7.11 -1.52
O1S3 YYJ C . -8.97 -8.94 -5.02
O1S4 YYJ C . -8.89 -7.02 -9.07
O1S6 YYJ C . -15.66 -6.35 -11.59
O2 YYJ C . -14.10 -10.17 -6.00
O2S1 YYJ C . -16.03 -5.55 -3.37
O2S3 YYJ C . -10.94 -8.64 -3.28
O2S4 YYJ C . -11.08 -6.32 -10.48
O2S6 YYJ C . -17.97 -7.23 -10.49
O3 YYJ C . -11.37 -9.63 -5.82
O3S1 YYJ C . -13.62 -4.82 -2.47
O3S3 YYJ C . -10.20 -11.16 -3.93
O3S4 YYJ C . -10.57 -8.93 -9.93
O3S6 YYJ C . -16.09 -8.99 -11.43
O4 YYJ C . -11.37 -7.20 -7.95
O5 YYJ C . -14.49 -7.94 -6.59
O6 YYJ C . -15.61 -7.58 -9.20
S1 YYJ C . -14.58 -6.12 -2.83
S3 YYJ C . -10.38 -9.61 -4.49
S4 YYJ C . -10.48 -7.38 -9.36
S6 YYJ C . -16.35 -7.54 -10.69
#